data_3P71
#
_entry.id   3P71
#
_cell.length_a   48.802
_cell.length_b   65.305
_cell.length_c   193.092
_cell.angle_alpha   90.00
_cell.angle_beta   90.00
_cell.angle_gamma   90.00
#
_symmetry.space_group_name_H-M   'P 21 21 21'
#
loop_
_entity.id
_entity.type
_entity.pdbx_description
1 polymer 'Leucine carboxyl methyltransferase 1'
2 polymer 'Serine/threonine-protein phosphatase 2A catalytic subunit alpha isoform'
3 non-polymer DI(HYDROXYETHYL)ETHER
4 non-polymer "5'-{[(3S)-3-amino-3-carboxypropyl](ethyl)amino}-5'-deoxyadenosine"
5 non-polymer 'MANGANESE (II) ION'
6 water water
#
loop_
_entity_poly.entity_id
_entity_poly.type
_entity_poly.pdbx_seq_one_letter_code
_entity_poly.pdbx_strand_id
1 'polypeptide(L)'
;MATRQRESSITSCCSTSSMDENDEGVRGTCEDASLCKRFAVSIGYWHDPYIQHFVRLSKERKAPEINRGYFARVHGVSQL
IKAFLRKTECHCQIVNLGAGMDTTFWRLKDEDLLSSKYFEVDFPMIVTRKLHSIKCKPPLSSPILELHSEDTLQMDGHIL
DSKRYAVIGADLRDLSELEEKLKKCNMNTQLPTLLIAECVLVYMTPEQSANLLKWAANSFERAMFINYEQVNMGDRFGQI
MIENLRRRQCDLAGVETCKSLESQKERLLSNGWETASAVDMMELYNRLPRAEVSRIESLEFLDEMELLEQLMRHYCLCWA
TKGGNELGLKEITY
;
T
2 'polypeptide(L)'
;MDEKVFTKELDQWIEQLNECKQLSESQVKSLCEKAKEILTKESNVQEVRCPVTVCGDVHGQFHDLMELFRIGGKSPDTNY
LFMGDYVDRGYYSVETVTLLVALKVRYRERITILRGNHESRQITQVYGFYDECLRKYGNANVWKYFTDLFDYLPLTALVD
GQIFCLHGGLSPSIDTLDHIRALDRLQEVPHEGPMCDLLWSDPDDRGGWGISPRGAGYTFGQDISETFNHANGLTLVSRA
HQLVMEGYNWCHDRNVVTIFSAPNYCYRCGNQAAIMELDDTLKYSFLQFDPAPHVTRRTPDYFL
;
C
#
# COMPACT_ATOMS: atom_id res chain seq x y z
N ASP A 20 24.44 -13.82 9.47
CA ASP A 20 23.58 -14.97 9.87
C ASP A 20 22.22 -14.50 10.39
N GLU A 21 22.24 -13.73 11.47
CA GLU A 21 21.03 -13.35 12.21
C GLU A 21 19.88 -12.81 11.34
N ASN A 22 20.24 -12.19 10.21
CA ASN A 22 19.28 -11.51 9.34
C ASN A 22 18.72 -12.39 8.22
N ASP A 23 19.34 -13.56 8.01
CA ASP A 23 19.07 -14.41 6.86
C ASP A 23 17.66 -15.01 6.81
N GLU A 24 17.16 -15.46 7.97
CA GLU A 24 15.77 -15.92 8.05
C GLU A 24 14.80 -14.84 7.61
N GLY A 25 14.98 -13.63 8.13
CA GLY A 25 14.13 -12.50 7.80
C GLY A 25 14.17 -12.11 6.33
N VAL A 26 15.37 -12.11 5.76
CA VAL A 26 15.57 -11.84 4.34
C VAL A 26 14.88 -12.91 3.47
N ARG A 27 15.03 -14.18 3.86
CA ARG A 27 14.35 -15.30 3.17
C ARG A 27 12.84 -15.20 3.23
N GLY A 28 12.32 -14.63 4.32
CA GLY A 28 10.89 -14.42 4.49
C GLY A 28 10.28 -13.48 3.47
N THR A 29 11.10 -12.62 2.86
CA THR A 29 10.61 -11.61 1.92
C THR A 29 10.15 -12.21 0.59
N CYS A 30 10.73 -13.37 0.25
CA CYS A 30 10.35 -14.12 -0.93
C CYS A 30 8.89 -14.54 -0.85
N GLU A 31 8.44 -14.95 0.34
CA GLU A 31 7.04 -15.29 0.54
C GLU A 31 6.14 -14.06 0.33
N ASP A 32 6.64 -12.90 0.75
CA ASP A 32 5.87 -11.67 0.62
C ASP A 32 5.64 -11.27 -0.84
N ALA A 33 6.73 -11.19 -1.60
CA ALA A 33 6.66 -10.81 -3.01
C ALA A 33 5.83 -11.81 -3.83
N SER A 34 6.02 -13.10 -3.55
CA SER A 34 5.27 -14.16 -4.21
C SER A 34 3.76 -13.99 -3.99
N LEU A 35 3.37 -13.78 -2.74
CA LEU A 35 1.95 -13.58 -2.39
C LEU A 35 1.37 -12.38 -3.12
N CYS A 36 2.13 -11.29 -3.13
CA CYS A 36 1.70 -10.07 -3.79
C CYS A 36 1.59 -10.24 -5.30
N LYS A 37 2.60 -10.83 -5.91
CA LYS A 37 2.57 -11.08 -7.35
C LYS A 37 1.41 -11.97 -7.76
N ARG A 38 1.16 -13.06 -7.04
CA ARG A 38 0.03 -13.93 -7.38
C ARG A 38 -1.31 -13.19 -7.25
N PHE A 39 -1.45 -12.40 -6.20
CA PHE A 39 -2.72 -11.70 -5.98
C PHE A 39 -3.08 -10.74 -7.12
N ALA A 40 -2.10 -9.94 -7.56
CA ALA A 40 -2.31 -9.03 -8.68
C ALA A 40 -2.69 -9.82 -9.94
N VAL A 41 -1.99 -10.93 -10.14
CA VAL A 41 -2.27 -11.83 -11.26
C VAL A 41 -3.71 -12.36 -11.19
N SER A 42 -4.16 -12.74 -9.99
CA SER A 42 -5.50 -13.30 -9.84
C SER A 42 -6.60 -12.31 -10.20
N ILE A 43 -6.33 -11.02 -10.00
CA ILE A 43 -7.31 -9.99 -10.32
C ILE A 43 -7.02 -9.33 -11.66
N GLY A 44 -6.02 -9.86 -12.37
CA GLY A 44 -5.82 -9.58 -13.79
C GLY A 44 -4.85 -8.48 -14.22
N TYR A 45 -3.88 -8.15 -13.36
CA TYR A 45 -2.88 -7.15 -13.73
C TYR A 45 -1.96 -7.62 -14.84
N TRP A 46 -1.46 -8.85 -14.73
CA TRP A 46 -0.76 -9.53 -15.84
C TRP A 46 -1.01 -11.03 -15.81
N HIS A 47 -0.58 -11.72 -16.87
CA HIS A 47 -0.89 -13.12 -17.03
C HIS A 47 0.23 -14.02 -16.54
N ASP A 48 -0.06 -14.83 -15.52
CA ASP A 48 0.89 -15.85 -15.04
C ASP A 48 0.21 -17.15 -14.58
N PRO A 49 0.06 -18.11 -15.51
CA PRO A 49 -0.52 -19.43 -15.21
C PRO A 49 0.37 -20.35 -14.37
N TYR A 50 1.56 -19.88 -13.99
CA TYR A 50 2.53 -20.74 -13.31
C TYR A 50 2.75 -20.44 -11.82
N ILE A 51 2.55 -19.20 -11.41
CA ILE A 51 2.82 -18.81 -10.03
C ILE A 51 1.93 -19.55 -9.00
N GLN A 52 0.77 -20.02 -9.43
CA GLN A 52 -0.18 -20.73 -8.56
C GLN A 52 0.38 -22.03 -8.03
N HIS A 53 1.41 -22.53 -8.72
CA HIS A 53 2.05 -23.78 -8.33
C HIS A 53 3.14 -23.54 -7.30
N PHE A 54 3.47 -22.27 -7.08
CA PHE A 54 4.55 -21.90 -6.18
C PHE A 54 4.09 -21.25 -4.88
N VAL A 55 2.91 -20.63 -4.89
CA VAL A 55 2.43 -19.89 -3.72
C VAL A 55 0.90 -19.88 -3.66
N ARG A 56 0.37 -19.82 -2.44
CA ARG A 56 -1.07 -19.83 -2.20
C ARG A 56 -1.73 -18.54 -2.67
N LEU A 57 -3.04 -18.60 -2.90
CA LEU A 57 -3.81 -17.41 -3.23
C LEU A 57 -4.25 -16.72 -1.96
N SER A 58 -3.63 -15.57 -1.72
CA SER A 58 -3.94 -14.72 -0.57
C SER A 58 -5.43 -14.42 -0.52
N LYS A 59 -6.04 -14.66 0.63
CA LYS A 59 -7.48 -14.43 0.78
C LYS A 59 -7.79 -13.00 1.23
N GLU A 60 -6.81 -12.34 1.80
CA GLU A 60 -6.92 -10.92 2.13
C GLU A 60 -6.25 -10.07 1.06
N ARG A 61 -6.97 -9.06 0.57
CA ARG A 61 -6.51 -8.22 -0.55
C ARG A 61 -5.21 -7.49 -0.25
N LYS A 62 -4.43 -7.23 -1.29
CA LYS A 62 -3.35 -6.25 -1.23
C LYS A 62 -3.92 -4.94 -1.75
N ALA A 63 -3.55 -3.82 -1.16
CA ALA A 63 -4.13 -2.54 -1.54
C ALA A 63 -3.79 -2.17 -2.99
N PRO A 64 -4.70 -1.45 -3.69
CA PRO A 64 -4.50 -1.08 -5.09
C PRO A 64 -3.10 -0.53 -5.46
N GLU A 65 -2.48 0.26 -4.59
CA GLU A 65 -1.17 0.82 -4.88
C GLU A 65 -0.06 -0.23 -4.84
N ILE A 66 -0.24 -1.27 -4.04
CA ILE A 66 0.69 -2.41 -4.02
C ILE A 66 0.61 -3.18 -5.33
N ASN A 67 -0.60 -3.44 -5.78
CA ASN A 67 -0.82 -4.18 -7.03
C ASN A 67 -0.36 -3.41 -8.25
N ARG A 68 -0.65 -2.12 -8.29
CA ARG A 68 -0.18 -1.24 -9.36
C ARG A 68 1.34 -1.16 -9.32
N GLY A 69 1.89 -1.02 -8.11
CA GLY A 69 3.32 -1.00 -7.89
C GLY A 69 4.03 -2.25 -8.35
N TYR A 70 3.45 -3.41 -8.04
CA TYR A 70 4.04 -4.68 -8.46
C TYR A 70 3.92 -4.85 -9.97
N PHE A 71 2.82 -4.34 -10.54
CA PHE A 71 2.64 -4.39 -11.98
C PHE A 71 3.76 -3.65 -12.73
N ALA A 72 3.95 -2.38 -12.40
CA ALA A 72 4.95 -1.57 -13.05
C ALA A 72 6.34 -2.20 -12.92
N ARG A 73 6.63 -2.74 -11.74
CA ARG A 73 7.87 -3.47 -11.48
C ARG A 73 8.03 -4.67 -12.44
N VAL A 74 6.97 -5.46 -12.56
CA VAL A 74 6.99 -6.63 -13.43
C VAL A 74 7.11 -6.18 -14.89
N HIS A 75 6.18 -5.34 -15.34
CA HIS A 75 6.24 -4.74 -16.67
C HIS A 75 7.62 -4.18 -16.98
N GLY A 76 8.15 -3.38 -16.05
CA GLY A 76 9.48 -2.78 -16.16
C GLY A 76 10.55 -3.78 -16.54
N VAL A 77 10.77 -4.77 -15.68
CA VAL A 77 11.78 -5.80 -15.91
C VAL A 77 11.46 -6.62 -17.16
N SER A 78 10.19 -6.95 -17.35
CA SER A 78 9.74 -7.72 -18.51
C SER A 78 10.14 -7.06 -19.84
N GLN A 79 9.99 -5.75 -19.94
CA GLN A 79 10.34 -5.04 -21.18
C GLN A 79 11.85 -5.01 -21.47
N LEU A 80 12.66 -4.96 -20.41
CA LEU A 80 14.12 -4.98 -20.55
C LEU A 80 14.63 -6.36 -20.91
N ILE A 81 14.00 -7.40 -20.36
CA ILE A 81 14.34 -8.78 -20.71
C ILE A 81 14.06 -9.02 -22.19
N LYS A 82 12.87 -8.62 -22.64
CA LYS A 82 12.46 -8.80 -24.03
C LYS A 82 13.42 -8.12 -25.00
N ALA A 83 13.84 -6.90 -24.65
CA ALA A 83 14.77 -6.13 -25.48
C ALA A 83 16.14 -6.80 -25.59
N PHE A 84 16.63 -7.35 -24.48
CA PHE A 84 17.90 -8.07 -24.49
C PHE A 84 17.85 -9.28 -25.41
N LEU A 85 16.82 -10.11 -25.22
CA LEU A 85 16.55 -11.27 -26.06
C LEU A 85 16.42 -10.92 -27.54
N ARG A 86 15.70 -9.83 -27.81
CA ARG A 86 15.52 -9.33 -29.16
C ARG A 86 16.89 -9.06 -29.80
N LYS A 87 17.71 -8.29 -29.08
CA LYS A 87 19.02 -7.85 -29.57
C LYS A 87 20.04 -8.98 -29.73
N THR A 88 19.89 -10.03 -28.94
CA THR A 88 20.80 -11.18 -28.99
C THR A 88 20.23 -12.33 -29.82
N GLU A 89 19.02 -12.13 -30.32
CA GLU A 89 18.25 -13.17 -31.04
C GLU A 89 18.14 -14.46 -30.23
N CYS A 90 17.95 -14.31 -28.91
CA CYS A 90 17.81 -15.45 -27.99
C CYS A 90 19.05 -16.32 -27.83
N HIS A 91 20.15 -15.95 -28.49
CA HIS A 91 21.40 -16.67 -28.34
C HIS A 91 22.16 -16.09 -27.15
N CYS A 92 21.76 -16.48 -25.95
CA CYS A 92 22.28 -15.87 -24.75
C CYS A 92 22.06 -16.72 -23.48
N GLN A 93 22.45 -16.15 -22.35
CA GLN A 93 22.18 -16.72 -21.04
C GLN A 93 21.47 -15.66 -20.19
N ILE A 94 20.55 -16.11 -19.35
CA ILE A 94 19.95 -15.23 -18.34
C ILE A 94 20.19 -15.84 -16.97
N VAL A 95 20.71 -15.02 -16.05
CA VAL A 95 20.97 -15.47 -14.70
C VAL A 95 20.17 -14.61 -13.72
N ASN A 96 19.03 -15.15 -13.26
CA ASN A 96 18.21 -14.44 -12.27
C ASN A 96 18.77 -14.63 -10.86
N LEU A 97 19.27 -13.53 -10.30
CA LEU A 97 19.92 -13.54 -8.99
C LEU A 97 18.94 -13.21 -7.88
N GLY A 98 18.83 -14.11 -6.90
CA GLY A 98 17.80 -14.04 -5.88
C GLY A 98 16.45 -14.13 -6.57
N ALA A 99 16.28 -15.20 -7.33
CA ALA A 99 15.13 -15.37 -8.22
C ALA A 99 13.80 -15.55 -7.49
N GLY A 100 13.83 -16.15 -6.31
CA GLY A 100 12.61 -16.45 -5.56
C GLY A 100 11.75 -17.44 -6.30
N MET A 101 10.43 -17.20 -6.31
CA MET A 101 9.47 -18.07 -7.01
C MET A 101 9.21 -17.58 -8.45
N ASP A 102 10.27 -17.12 -9.11
CA ASP A 102 10.19 -16.56 -10.46
C ASP A 102 9.75 -17.61 -11.50
N THR A 103 8.83 -17.21 -12.36
CA THR A 103 8.21 -18.12 -13.32
C THR A 103 8.65 -17.83 -14.75
N THR A 104 9.60 -16.91 -14.91
CA THR A 104 10.02 -16.39 -16.22
C THR A 104 10.41 -17.48 -17.22
N PHE A 105 11.07 -18.54 -16.77
CA PHE A 105 11.40 -19.66 -17.65
C PHE A 105 10.19 -20.16 -18.43
N TRP A 106 9.14 -20.56 -17.70
CA TRP A 106 7.94 -21.12 -18.32
C TRP A 106 7.22 -20.12 -19.22
N ARG A 107 7.25 -18.84 -18.82
CA ARG A 107 6.59 -17.79 -19.58
C ARG A 107 7.34 -17.44 -20.85
N LEU A 108 8.67 -17.51 -20.80
CA LEU A 108 9.51 -17.34 -21.99
C LEU A 108 9.35 -18.47 -22.99
N LYS A 109 9.08 -19.67 -22.47
CA LYS A 109 8.87 -20.86 -23.30
C LYS A 109 7.52 -20.81 -24.03
N ASP A 110 6.52 -20.19 -23.41
CA ASP A 110 5.22 -19.97 -24.07
C ASP A 110 5.29 -18.92 -25.17
N GLU A 111 6.05 -17.85 -24.90
CA GLU A 111 6.19 -16.72 -25.82
C GLU A 111 7.18 -17.02 -26.94
N ASP A 112 7.78 -18.21 -26.90
CA ASP A 112 8.78 -18.67 -27.87
C ASP A 112 10.01 -17.76 -27.88
N LEU A 113 10.38 -17.26 -26.71
CA LEU A 113 11.50 -16.34 -26.55
C LEU A 113 12.54 -16.90 -25.59
N LEU A 114 12.77 -18.20 -25.68
CA LEU A 114 13.67 -18.88 -24.77
C LEU A 114 15.14 -18.67 -25.12
N SER A 115 15.93 -18.34 -24.11
CA SER A 115 17.37 -18.17 -24.25
C SER A 115 18.02 -19.54 -24.25
N SER A 116 19.30 -19.59 -24.59
CA SER A 116 20.01 -20.86 -24.68
C SER A 116 20.00 -21.62 -23.36
N LYS A 117 20.18 -20.90 -22.26
CA LYS A 117 19.98 -21.47 -20.92
C LYS A 117 19.50 -20.44 -19.92
N TYR A 118 18.60 -20.87 -19.03
CA TYR A 118 18.09 -20.03 -17.94
C TYR A 118 18.60 -20.51 -16.58
N PHE A 119 19.30 -19.61 -15.87
CA PHE A 119 19.87 -19.92 -14.56
C PHE A 119 19.15 -19.15 -13.46
N GLU A 120 18.81 -19.85 -12.39
CA GLU A 120 18.23 -19.22 -11.21
C GLU A 120 19.06 -19.48 -9.97
N VAL A 121 19.12 -18.49 -9.10
CA VAL A 121 19.96 -18.55 -7.90
C VAL A 121 19.22 -18.02 -6.68
N ASP A 122 19.31 -18.74 -5.56
CA ASP A 122 18.73 -18.30 -4.28
C ASP A 122 19.32 -19.12 -3.13
N PHE A 123 19.01 -18.72 -1.89
CA PHE A 123 19.36 -19.52 -0.72
C PHE A 123 18.86 -20.96 -0.87
N PRO A 124 19.64 -21.94 -0.36
CA PRO A 124 19.23 -23.35 -0.47
C PRO A 124 17.80 -23.61 0.04
N MET A 125 17.48 -23.02 1.18
CA MET A 125 16.15 -23.11 1.76
C MET A 125 15.06 -22.76 0.74
N ILE A 126 15.26 -21.67 0.01
CA ILE A 126 14.31 -21.21 -0.99
C ILE A 126 14.24 -22.18 -2.16
N VAL A 127 15.42 -22.55 -2.66
CA VAL A 127 15.52 -23.54 -3.75
C VAL A 127 14.82 -24.87 -3.42
N THR A 128 15.00 -25.35 -2.19
CA THR A 128 14.31 -26.55 -1.71
C THR A 128 12.78 -26.46 -1.84
N ARG A 129 12.22 -25.30 -1.49
CA ARG A 129 10.80 -25.01 -1.69
C ARG A 129 10.41 -25.08 -3.17
N LYS A 130 11.30 -24.60 -4.02
CA LYS A 130 11.01 -24.50 -5.45
C LYS A 130 11.21 -25.84 -6.16
N LEU A 131 12.13 -26.66 -5.65
CA LEU A 131 12.38 -27.98 -6.24
C LEU A 131 11.28 -28.97 -5.91
N HIS A 132 10.71 -28.83 -4.71
CA HIS A 132 9.54 -29.61 -4.32
C HIS A 132 8.38 -29.34 -5.28
N SER A 133 8.04 -28.06 -5.48
CA SER A 133 6.96 -27.67 -6.37
C SER A 133 7.18 -28.16 -7.81
N ILE A 134 8.41 -28.03 -8.30
CA ILE A 134 8.74 -28.47 -9.65
C ILE A 134 8.56 -29.98 -9.78
N LYS A 135 9.15 -30.75 -8.85
CA LYS A 135 9.12 -32.22 -8.88
C LYS A 135 7.70 -32.75 -8.71
N CYS A 136 6.92 -32.10 -7.84
CA CYS A 136 5.56 -32.55 -7.55
C CYS A 136 4.56 -32.32 -8.68
N LYS A 137 4.74 -31.23 -9.42
CA LYS A 137 3.71 -30.75 -10.32
C LYS A 137 4.15 -30.82 -11.80
N PRO A 138 3.53 -31.72 -12.58
CA PRO A 138 3.88 -31.88 -14.00
C PRO A 138 3.79 -30.60 -14.86
N PRO A 139 2.77 -29.74 -14.64
CA PRO A 139 2.76 -28.46 -15.36
C PRO A 139 4.09 -27.70 -15.28
N LEU A 140 4.83 -27.94 -14.20
CA LEU A 140 6.15 -27.35 -14.02
C LEU A 140 7.28 -28.18 -14.63
N SER A 141 7.20 -29.50 -14.48
CA SER A 141 8.34 -30.35 -14.83
C SER A 141 8.37 -30.81 -16.29
N SER A 142 7.20 -30.96 -16.89
CA SER A 142 7.12 -31.41 -18.29
C SER A 142 7.82 -30.44 -19.24
N PRO A 143 7.51 -29.12 -19.16
CA PRO A 143 8.19 -28.16 -20.04
C PRO A 143 9.72 -28.20 -19.93
N ILE A 144 10.24 -28.46 -18.72
CA ILE A 144 11.69 -28.56 -18.52
C ILE A 144 12.22 -29.84 -19.17
N LEU A 145 11.46 -30.92 -19.07
CA LEU A 145 11.85 -32.21 -19.64
C LEU A 145 11.72 -32.24 -21.16
N GLU A 146 10.69 -31.58 -21.70
CA GLU A 146 10.50 -31.47 -23.16
C GLU A 146 11.76 -30.95 -23.82
N LEU A 147 12.53 -30.16 -23.07
CA LEU A 147 13.73 -29.53 -23.60
C LEU A 147 15.01 -30.14 -23.04
N HIS A 148 14.88 -31.18 -22.23
CA HIS A 148 16.03 -31.81 -21.59
C HIS A 148 16.56 -32.98 -22.42
N SER A 149 17.83 -33.33 -22.19
CA SER A 149 18.46 -34.45 -22.88
C SER A 149 18.11 -35.78 -22.22
N GLU A 150 17.59 -35.73 -20.99
CA GLU A 150 17.24 -36.93 -20.26
C GLU A 150 15.74 -36.97 -19.97
N ASP A 151 15.23 -38.16 -19.66
CA ASP A 151 13.83 -38.35 -19.27
C ASP A 151 13.60 -38.02 -17.79
N THR A 152 14.70 -37.91 -17.05
CA THR A 152 14.68 -37.66 -15.61
C THR A 152 15.32 -36.32 -15.29
N LEU A 153 14.70 -35.56 -14.38
CA LEU A 153 15.34 -34.42 -13.75
C LEU A 153 16.06 -34.89 -12.51
N GLN A 154 17.34 -34.53 -12.39
CA GLN A 154 18.14 -34.92 -11.22
C GLN A 154 18.41 -33.71 -10.32
N MET A 155 18.07 -33.87 -9.04
CA MET A 155 18.04 -32.73 -8.11
C MET A 155 18.98 -32.89 -6.90
N ASP A 156 19.96 -33.79 -6.98
CA ASP A 156 20.92 -34.01 -5.89
C ASP A 156 21.50 -32.71 -5.34
N GLY A 157 21.66 -32.67 -4.02
CA GLY A 157 22.07 -31.46 -3.32
C GLY A 157 20.95 -30.42 -3.35
N HIS A 158 21.35 -29.16 -3.48
CA HIS A 158 20.40 -28.05 -3.62
C HIS A 158 20.48 -27.48 -5.03
N ILE A 159 20.61 -28.37 -6.01
CA ILE A 159 20.75 -27.98 -7.41
C ILE A 159 19.87 -28.82 -8.31
N LEU A 160 19.11 -28.14 -9.18
CA LEU A 160 18.45 -28.74 -10.31
C LEU A 160 19.20 -28.30 -11.55
N ASP A 161 19.72 -29.25 -12.32
CA ASP A 161 20.41 -28.95 -13.56
C ASP A 161 19.76 -29.66 -14.74
N SER A 162 19.52 -28.91 -15.80
CA SER A 162 19.02 -29.48 -17.05
C SER A 162 19.65 -28.73 -18.21
N LYS A 163 19.34 -29.18 -19.43
CA LYS A 163 19.89 -28.57 -20.62
C LYS A 163 19.59 -27.07 -20.74
N ARG A 164 18.32 -26.69 -20.54
CA ARG A 164 17.91 -25.32 -20.80
C ARG A 164 17.64 -24.50 -19.54
N TYR A 165 17.57 -25.18 -18.40
CA TYR A 165 17.12 -24.58 -17.15
C TYR A 165 17.88 -25.15 -15.96
N ALA A 166 18.36 -24.25 -15.09
CA ALA A 166 19.04 -24.66 -13.87
C ALA A 166 18.58 -23.82 -12.69
N VAL A 167 18.47 -24.47 -11.52
CA VAL A 167 18.12 -23.78 -10.28
C VAL A 167 19.17 -24.09 -9.21
N ILE A 168 19.91 -23.07 -8.81
CA ILE A 168 21.06 -23.27 -7.92
C ILE A 168 20.83 -22.66 -6.54
N GLY A 169 21.08 -23.46 -5.51
CA GLY A 169 21.07 -22.98 -4.13
C GLY A 169 22.44 -22.51 -3.72
N ALA A 170 22.58 -21.19 -3.58
CA ALA A 170 23.86 -20.56 -3.21
C ALA A 170 23.66 -19.24 -2.49
N ASP A 171 24.62 -18.88 -1.65
CA ASP A 171 24.68 -17.57 -1.01
C ASP A 171 25.44 -16.61 -1.94
N LEU A 172 24.77 -15.52 -2.33
CA LEU A 172 25.32 -14.53 -3.27
C LEU A 172 26.49 -13.75 -2.69
N ARG A 173 26.64 -13.81 -1.37
CA ARG A 173 27.67 -13.06 -0.66
C ARG A 173 28.97 -13.85 -0.61
N ASP A 174 28.91 -15.11 -1.04
CA ASP A 174 30.08 -15.96 -1.20
C ASP A 174 30.26 -16.28 -2.68
N LEU A 175 31.11 -15.51 -3.34
CA LEU A 175 31.24 -15.56 -4.80
C LEU A 175 31.93 -16.82 -5.33
N SER A 176 32.76 -17.46 -4.50
CA SER A 176 33.44 -18.68 -4.92
C SER A 176 32.47 -19.86 -5.06
N GLU A 177 31.49 -19.92 -4.15
CA GLU A 177 30.41 -20.90 -4.20
C GLU A 177 29.54 -20.67 -5.43
N LEU A 178 29.20 -19.41 -5.67
CA LEU A 178 28.36 -19.00 -6.81
C LEU A 178 28.97 -19.36 -8.17
N GLU A 179 30.20 -18.91 -8.41
CA GLU A 179 30.87 -19.14 -9.69
C GLU A 179 31.04 -20.63 -9.97
N GLU A 180 31.50 -21.38 -8.98
CA GLU A 180 31.70 -22.82 -9.11
C GLU A 180 30.43 -23.55 -9.61
N LYS A 181 29.31 -23.26 -8.97
CA LYS A 181 28.05 -23.95 -9.25
C LYS A 181 27.42 -23.57 -10.59
N LEU A 182 27.53 -22.30 -10.97
CA LEU A 182 27.13 -21.88 -12.32
C LEU A 182 27.94 -22.62 -13.41
N LYS A 183 29.24 -22.72 -13.18
CA LYS A 183 30.12 -23.43 -14.12
C LYS A 183 29.91 -24.94 -14.11
N LYS A 184 29.61 -25.49 -12.94
CA LYS A 184 29.11 -26.87 -12.78
C LYS A 184 27.87 -27.11 -13.66
N CYS A 185 27.00 -26.12 -13.72
CA CYS A 185 25.80 -26.18 -14.56
C CYS A 185 26.12 -25.68 -15.96
N ASN A 186 27.41 -25.68 -16.29
CA ASN A 186 27.94 -25.35 -17.62
C ASN A 186 27.48 -24.00 -18.17
N MET A 187 27.56 -22.97 -17.32
CA MET A 187 27.44 -21.60 -17.78
C MET A 187 28.67 -21.25 -18.61
N ASN A 188 28.43 -20.68 -19.79
CA ASN A 188 29.48 -20.27 -20.70
C ASN A 188 29.79 -18.79 -20.55
N THR A 189 31.07 -18.51 -20.33
CA THR A 189 31.56 -17.15 -20.17
C THR A 189 31.47 -16.33 -21.47
N GLN A 190 31.59 -17.01 -22.61
CA GLN A 190 31.63 -16.33 -23.91
C GLN A 190 30.27 -15.98 -24.53
N LEU A 191 29.18 -16.52 -24.00
CA LEU A 191 27.85 -16.10 -24.44
C LEU A 191 27.48 -14.75 -23.83
N PRO A 192 26.69 -13.94 -24.57
CA PRO A 192 26.11 -12.74 -23.99
C PRO A 192 25.19 -13.13 -22.84
N THR A 193 25.20 -12.35 -21.76
CA THR A 193 24.49 -12.75 -20.54
C THR A 193 23.79 -11.59 -19.86
N LEU A 194 22.50 -11.76 -19.61
CA LEU A 194 21.72 -10.82 -18.82
C LEU A 194 21.59 -11.34 -17.37
N LEU A 195 21.96 -10.49 -16.42
CA LEU A 195 21.80 -10.84 -15.00
C LEU A 195 20.73 -9.98 -14.37
N ILE A 196 19.92 -10.58 -13.51
CA ILE A 196 18.75 -9.91 -12.93
C ILE A 196 18.80 -9.90 -11.39
N ALA A 197 18.75 -8.71 -10.80
CA ALA A 197 18.61 -8.55 -9.37
C ALA A 197 17.35 -7.75 -9.08
N GLU A 198 16.23 -8.47 -8.98
CA GLU A 198 14.93 -7.88 -8.72
C GLU A 198 14.67 -7.87 -7.22
N CYS A 199 14.96 -6.72 -6.60
CA CYS A 199 14.83 -6.51 -5.15
C CYS A 199 15.64 -7.53 -4.34
N VAL A 200 16.96 -7.49 -4.52
CA VAL A 200 17.88 -8.46 -3.91
C VAL A 200 19.14 -7.81 -3.34
N LEU A 201 19.76 -6.92 -4.13
CA LEU A 201 21.01 -6.29 -3.74
C LEU A 201 20.94 -5.56 -2.40
N VAL A 202 19.76 -5.04 -2.08
CA VAL A 202 19.55 -4.23 -0.87
C VAL A 202 19.58 -5.06 0.43
N TYR A 203 19.57 -6.38 0.29
CA TYR A 203 19.61 -7.28 1.45
C TYR A 203 21.02 -7.67 1.88
N MET A 204 22.02 -7.25 1.11
CA MET A 204 23.43 -7.45 1.49
C MET A 204 24.18 -6.12 1.68
N THR A 205 25.31 -6.16 2.37
CA THR A 205 26.13 -4.97 2.58
C THR A 205 26.52 -4.32 1.25
N PRO A 206 26.73 -2.98 1.24
CA PRO A 206 27.22 -2.27 0.05
C PRO A 206 28.46 -2.91 -0.57
N GLU A 207 29.38 -3.37 0.27
CA GLU A 207 30.61 -4.02 -0.20
C GLU A 207 30.35 -5.36 -0.85
N GLN A 208 29.39 -6.12 -0.31
CA GLN A 208 29.04 -7.44 -0.84
C GLN A 208 28.32 -7.38 -2.19
N SER A 209 27.41 -6.41 -2.32
CA SER A 209 26.69 -6.19 -3.58
C SER A 209 27.61 -5.57 -4.65
N ALA A 210 28.66 -4.88 -4.21
CA ALA A 210 29.68 -4.34 -5.10
C ALA A 210 30.52 -5.48 -5.66
N ASN A 211 30.94 -6.40 -4.78
CA ASN A 211 31.68 -7.59 -5.16
C ASN A 211 30.92 -8.39 -6.22
N LEU A 212 29.63 -8.60 -5.99
CA LEU A 212 28.76 -9.31 -6.92
C LEU A 212 28.70 -8.64 -8.29
N LEU A 213 28.42 -7.33 -8.29
CA LEU A 213 28.39 -6.55 -9.53
C LEU A 213 29.73 -6.58 -10.27
N LYS A 214 30.81 -6.44 -9.50
CA LYS A 214 32.17 -6.48 -10.03
C LYS A 214 32.43 -7.81 -10.73
N TRP A 215 32.12 -8.91 -10.04
CA TRP A 215 32.32 -10.25 -10.55
C TRP A 215 31.53 -10.48 -11.84
N ALA A 216 30.28 -10.00 -11.85
CA ALA A 216 29.43 -10.13 -13.04
C ALA A 216 30.03 -9.39 -14.22
N ALA A 217 30.52 -8.19 -13.97
CA ALA A 217 31.19 -7.38 -15.00
C ALA A 217 32.51 -8.00 -15.48
N ASN A 218 33.20 -8.71 -14.60
CA ASN A 218 34.48 -9.33 -14.95
C ASN A 218 34.34 -10.67 -15.67
N SER A 219 33.20 -11.33 -15.49
CA SER A 219 33.00 -12.68 -16.00
C SER A 219 32.60 -12.73 -17.47
N PHE A 220 31.96 -11.67 -17.95
CA PHE A 220 31.43 -11.64 -19.31
C PHE A 220 31.94 -10.44 -20.08
N GLU A 221 32.48 -10.68 -21.27
CA GLU A 221 32.86 -9.60 -22.17
C GLU A 221 31.63 -8.86 -22.70
N ARG A 222 30.52 -9.59 -22.88
CA ARG A 222 29.24 -9.02 -23.30
C ARG A 222 28.15 -9.39 -22.29
N ALA A 223 27.63 -8.37 -21.60
CA ALA A 223 26.69 -8.58 -20.48
C ALA A 223 25.70 -7.43 -20.26
N MET A 224 24.62 -7.74 -19.53
CA MET A 224 23.65 -6.75 -19.09
C MET A 224 23.23 -7.03 -17.65
N PHE A 225 22.91 -5.96 -16.91
CA PHE A 225 22.46 -6.09 -15.53
C PHE A 225 21.21 -5.26 -15.26
N ILE A 226 20.15 -5.92 -14.78
CA ILE A 226 18.94 -5.23 -14.35
C ILE A 226 18.89 -5.20 -12.82
N ASN A 227 18.81 -4.00 -12.27
CA ASN A 227 18.67 -3.83 -10.82
C ASN A 227 17.42 -3.03 -10.44
N TYR A 228 16.47 -3.72 -9.82
CA TYR A 228 15.30 -3.07 -9.26
C TYR A 228 15.39 -3.07 -7.74
N GLU A 229 15.28 -1.88 -7.15
CA GLU A 229 15.27 -1.74 -5.67
C GLU A 229 14.87 -0.35 -5.20
N GLN A 230 15.07 -0.10 -3.90
CA GLN A 230 14.74 1.18 -3.27
C GLN A 230 15.63 2.33 -3.77
N VAL A 231 15.10 3.55 -3.70
CA VAL A 231 15.84 4.76 -4.08
C VAL A 231 15.33 5.94 -3.26
N ASN A 232 16.11 7.02 -3.21
CA ASN A 232 15.78 8.23 -2.44
C ASN A 232 15.42 7.94 -0.99
N MET A 233 16.17 7.01 -0.39
CA MET A 233 15.85 6.50 0.95
C MET A 233 16.29 7.42 2.09
N GLY A 234 16.95 8.52 1.74
CA GLY A 234 17.45 9.46 2.73
C GLY A 234 16.42 10.44 3.26
N ASP A 235 15.19 9.97 3.48
CA ASP A 235 14.12 10.78 4.08
C ASP A 235 13.32 10.04 5.16
N ARG A 236 12.26 10.68 5.66
CA ARG A 236 11.44 10.11 6.72
C ARG A 236 10.72 8.84 6.26
N PHE A 237 10.21 8.86 5.03
CA PHE A 237 9.54 7.72 4.47
C PHE A 237 10.48 6.51 4.47
N GLY A 238 11.69 6.71 3.95
CA GLY A 238 12.67 5.62 3.85
C GLY A 238 13.08 5.08 5.20
N GLN A 239 13.18 6.00 6.17
CA GLN A 239 13.52 5.66 7.54
C GLN A 239 12.45 4.82 8.23
N ILE A 240 11.18 5.13 7.95
CA ILE A 240 10.06 4.40 8.54
C ILE A 240 10.01 3.00 7.96
N MET A 241 10.34 2.88 6.68
CA MET A 241 10.44 1.60 6.01
C MET A 241 11.52 0.73 6.65
N ILE A 242 12.72 1.29 6.83
CA ILE A 242 13.81 0.60 7.52
C ILE A 242 13.35 0.06 8.87
N GLU A 243 12.71 0.90 9.68
CA GLU A 243 12.21 0.50 10.99
C GLU A 243 11.12 -0.56 10.91
N ASN A 244 10.22 -0.41 9.93
CA ASN A 244 9.13 -1.37 9.72
C ASN A 244 9.59 -2.77 9.34
N LEU A 245 10.61 -2.84 8.49
CA LEU A 245 11.13 -4.13 8.05
C LEU A 245 11.92 -4.84 9.15
N ARG A 246 12.43 -4.06 10.10
CA ARG A 246 13.13 -4.59 11.27
C ARG A 246 12.19 -5.25 12.30
N ARG A 247 10.91 -4.87 12.28
CA ARG A 247 9.87 -5.55 13.06
C ARG A 247 9.67 -6.96 12.51
N ARG A 248 9.93 -7.09 11.21
CA ARG A 248 9.80 -8.33 10.47
C ARG A 248 11.18 -9.04 10.42
N GLN A 249 12.04 -8.69 11.39
CA GLN A 249 13.41 -9.23 11.55
C GLN A 249 14.24 -9.16 10.27
N CYS A 250 14.04 -8.09 9.50
CA CYS A 250 14.66 -7.97 8.19
C CYS A 250 15.32 -6.60 8.00
N ASP A 251 16.63 -6.57 8.18
CA ASP A 251 17.42 -5.35 8.03
C ASP A 251 17.83 -5.18 6.56
N LEU A 252 17.75 -3.94 6.08
CA LEU A 252 18.18 -3.60 4.73
C LEU A 252 19.66 -3.22 4.73
N ALA A 253 20.53 -4.22 4.64
CA ALA A 253 21.96 -4.04 4.84
C ALA A 253 22.63 -3.07 3.84
N GLY A 254 22.03 -2.89 2.66
CA GLY A 254 22.57 -2.00 1.65
C GLY A 254 21.76 -0.76 1.28
N VAL A 255 21.18 -0.08 2.28
CA VAL A 255 20.42 1.15 2.03
C VAL A 255 21.29 2.35 1.68
N GLU A 256 22.54 2.35 2.16
CA GLU A 256 23.46 3.44 1.88
C GLU A 256 23.69 3.62 0.38
N THR A 257 23.43 2.56 -0.38
CA THR A 257 23.54 2.60 -1.83
C THR A 257 22.23 3.07 -2.49
N CYS A 258 21.17 3.19 -1.69
CA CYS A 258 19.86 3.64 -2.19
C CYS A 258 19.64 5.13 -1.96
N LYS A 259 20.67 5.93 -2.28
CA LYS A 259 20.61 7.37 -1.99
C LYS A 259 19.81 8.15 -3.01
N SER A 260 20.03 7.86 -4.30
CA SER A 260 19.46 8.62 -5.41
C SER A 260 19.69 7.87 -6.72
N LEU A 261 19.00 8.30 -7.77
CA LEU A 261 19.18 7.74 -9.11
C LEU A 261 20.61 7.90 -9.60
N GLU A 262 21.26 8.99 -9.21
CA GLU A 262 22.64 9.28 -9.60
C GLU A 262 23.63 8.31 -8.96
N SER A 263 23.44 8.02 -7.68
CA SER A 263 24.32 7.08 -6.97
C SER A 263 24.09 5.65 -7.47
N GLN A 264 22.87 5.36 -7.91
CA GLN A 264 22.54 4.04 -8.46
C GLN A 264 23.21 3.78 -9.82
N LYS A 265 23.28 4.80 -10.65
CA LYS A 265 23.98 4.72 -11.93
C LYS A 265 25.50 4.67 -11.70
N GLU A 266 25.97 5.46 -10.74
CA GLU A 266 27.38 5.47 -10.36
C GLU A 266 27.83 4.16 -9.71
N ARG A 267 26.94 3.52 -8.96
CA ARG A 267 27.25 2.20 -8.39
C ARG A 267 27.55 1.19 -9.50
N LEU A 268 26.81 1.29 -10.60
CA LEU A 268 26.95 0.34 -11.70
C LEU A 268 28.21 0.60 -12.53
N LEU A 269 28.50 1.87 -12.79
CA LEU A 269 29.63 2.24 -13.63
C LEU A 269 30.97 2.02 -12.92
N SER A 270 31.02 2.35 -11.63
CA SER A 270 32.22 2.14 -10.81
C SER A 270 32.57 0.68 -10.67
N ASN A 271 31.56 -0.19 -10.82
CA ASN A 271 31.75 -1.62 -10.65
C ASN A 271 31.77 -2.42 -11.95
N GLY A 272 32.37 -1.83 -12.99
CA GLY A 272 32.74 -2.55 -14.21
C GLY A 272 31.87 -2.46 -15.45
N TRP A 273 30.87 -1.57 -15.40
CA TRP A 273 29.92 -1.46 -16.51
C TRP A 273 30.13 -0.17 -17.30
N GLU A 274 29.80 -0.21 -18.59
CA GLU A 274 30.13 0.87 -19.51
C GLU A 274 29.05 1.94 -19.63
N THR A 275 27.79 1.51 -19.61
CA THR A 275 26.65 2.43 -19.63
C THR A 275 25.73 2.07 -18.49
N ALA A 276 24.96 3.04 -18.02
CA ALA A 276 23.96 2.83 -16.99
C ALA A 276 22.82 3.82 -17.15
N SER A 277 21.60 3.36 -16.86
CA SER A 277 20.42 4.22 -16.86
C SER A 277 19.58 3.87 -15.64
N ALA A 278 18.87 4.85 -15.12
CA ALA A 278 17.95 4.61 -14.02
C ALA A 278 16.77 5.57 -14.07
N VAL A 279 15.59 5.04 -13.80
CA VAL A 279 14.39 5.85 -13.64
C VAL A 279 13.71 5.42 -12.36
N ASP A 280 13.12 6.37 -11.64
CA ASP A 280 12.29 6.00 -10.52
C ASP A 280 10.98 5.40 -11.03
N MET A 281 10.42 4.49 -10.24
CA MET A 281 9.25 3.72 -10.64
C MET A 281 8.04 4.55 -11.07
N MET A 282 7.91 5.74 -10.49
CA MET A 282 6.81 6.64 -10.85
C MET A 282 7.06 7.25 -12.23
N GLU A 283 8.29 7.68 -12.48
CA GLU A 283 8.67 8.17 -13.80
C GLU A 283 8.33 7.09 -14.83
N LEU A 284 8.63 5.84 -14.51
CA LEU A 284 8.29 4.71 -15.38
C LEU A 284 6.78 4.55 -15.53
N TYR A 285 6.06 4.70 -14.43
CA TYR A 285 4.59 4.59 -14.41
C TYR A 285 3.97 5.60 -15.39
N ASN A 286 4.41 6.85 -15.30
CA ASN A 286 3.88 7.91 -16.18
C ASN A 286 4.37 7.82 -17.63
N ARG A 287 5.36 6.97 -17.89
CA ARG A 287 5.86 6.72 -19.25
C ARG A 287 5.24 5.45 -19.86
N LEU A 288 4.26 4.87 -19.17
CA LEU A 288 3.59 3.66 -19.66
C LEU A 288 2.70 4.00 -20.86
N PRO A 289 2.48 3.04 -21.77
CA PRO A 289 1.59 3.30 -22.91
C PRO A 289 0.16 3.56 -22.41
N ARG A 290 -0.48 4.60 -22.95
CA ARG A 290 -1.80 5.02 -22.47
C ARG A 290 -2.85 3.90 -22.45
N ALA A 291 -2.80 3.02 -23.45
CA ALA A 291 -3.70 1.87 -23.52
C ALA A 291 -3.52 0.91 -22.33
N GLU A 292 -2.28 0.74 -21.89
CA GLU A 292 -1.97 -0.09 -20.73
C GLU A 292 -2.47 0.55 -19.43
N VAL A 293 -2.14 1.83 -19.25
CA VAL A 293 -2.61 2.60 -18.12
C VAL A 293 -4.13 2.46 -17.98
N SER A 294 -4.83 2.64 -19.09
CA SER A 294 -6.30 2.59 -19.12
C SER A 294 -6.87 1.24 -18.66
N ARG A 295 -6.23 0.16 -19.10
CA ARG A 295 -6.61 -1.20 -18.71
C ARG A 295 -6.47 -1.46 -17.20
N ILE A 296 -5.30 -1.14 -16.66
CA ILE A 296 -4.98 -1.27 -15.23
C ILE A 296 -5.90 -0.42 -14.37
N GLU A 297 -6.03 0.87 -14.71
CA GLU A 297 -6.78 1.81 -13.87
C GLU A 297 -8.27 1.48 -13.86
N SER A 298 -8.68 0.58 -14.74
CA SER A 298 -10.07 0.11 -14.74
C SER A 298 -10.22 -1.23 -14.03
N LEU A 299 -9.11 -1.76 -13.51
CA LEU A 299 -9.11 -3.00 -12.73
C LEU A 299 -9.49 -2.75 -11.27
N GLU A 300 -8.90 -1.71 -10.68
CA GLU A 300 -9.15 -1.34 -9.31
C GLU A 300 -9.23 0.17 -9.20
N PHE A 301 -9.97 0.63 -8.20
CA PHE A 301 -10.16 2.06 -7.99
C PHE A 301 -9.25 2.56 -6.88
N LEU A 302 -8.34 3.46 -7.21
CA LEU A 302 -7.47 4.07 -6.20
C LEU A 302 -7.74 5.56 -6.05
N ASP A 303 -8.40 5.96 -4.96
CA ASP A 303 -8.78 7.36 -4.75
C ASP A 303 -7.62 8.26 -4.29
N GLU A 304 -6.56 7.66 -3.76
CA GLU A 304 -5.44 8.42 -3.23
C GLU A 304 -4.12 8.13 -3.97
N MET A 305 -3.98 8.76 -5.13
CA MET A 305 -2.81 8.61 -5.97
C MET A 305 -1.50 9.11 -5.34
N GLU A 306 -1.61 10.02 -4.38
CA GLU A 306 -0.45 10.48 -3.61
C GLU A 306 0.24 9.36 -2.82
N LEU A 307 -0.50 8.31 -2.49
CA LEU A 307 0.06 7.13 -1.81
C LEU A 307 0.93 6.31 -2.76
N LEU A 308 0.44 6.09 -3.97
CA LEU A 308 1.24 5.45 -5.01
C LEU A 308 2.48 6.31 -5.27
N GLU A 309 2.24 7.59 -5.58
CA GLU A 309 3.30 8.57 -5.84
C GLU A 309 4.46 8.50 -4.83
N GLN A 310 4.13 8.53 -3.54
CA GLN A 310 5.14 8.49 -2.48
C GLN A 310 5.92 7.17 -2.48
N LEU A 311 5.22 6.05 -2.65
CA LEU A 311 5.82 4.73 -2.69
C LEU A 311 6.72 4.57 -3.91
N MET A 312 6.22 4.90 -5.09
CA MET A 312 6.94 4.70 -6.35
C MET A 312 8.18 5.57 -6.48
N ARG A 313 8.14 6.78 -5.91
CA ARG A 313 9.32 7.65 -5.95
C ARG A 313 10.48 7.10 -5.12
N HIS A 314 10.21 6.06 -4.33
CA HIS A 314 11.22 5.46 -3.45
C HIS A 314 11.74 4.11 -3.95
N TYR A 315 11.44 3.81 -5.22
CA TYR A 315 11.99 2.65 -5.89
C TYR A 315 12.49 3.05 -7.26
N CYS A 316 13.36 2.22 -7.83
CA CYS A 316 13.91 2.53 -9.15
C CYS A 316 14.16 1.27 -9.97
N LEU A 317 14.20 1.45 -11.29
CA LEU A 317 14.64 0.43 -12.21
C LEU A 317 15.91 0.92 -12.91
N CYS A 318 17.00 0.19 -12.69
CA CYS A 318 18.28 0.52 -13.29
C CYS A 318 18.75 -0.60 -14.23
N TRP A 319 19.49 -0.22 -15.27
CA TRP A 319 20.12 -1.21 -16.15
C TRP A 319 21.46 -0.74 -16.68
N ALA A 320 22.42 -1.64 -16.65
CA ALA A 320 23.77 -1.38 -17.14
C ALA A 320 24.15 -2.40 -18.20
N THR A 321 25.05 -2.01 -19.10
CA THR A 321 25.58 -2.92 -20.12
C THR A 321 27.10 -2.81 -20.25
N LYS A 322 27.70 -3.79 -20.91
CA LYS A 322 29.11 -3.71 -21.28
C LYS A 322 29.46 -4.62 -22.48
N GLY A 323 30.31 -4.10 -23.36
CA GLY A 323 30.74 -4.81 -24.56
C GLY A 323 29.66 -5.00 -25.60
N GLY A 324 28.59 -4.20 -25.49
CA GLY A 324 27.42 -4.34 -26.37
C GLY A 324 27.39 -3.43 -27.58
N ASN A 325 28.54 -3.31 -28.26
CA ASN A 325 28.64 -2.49 -29.47
C ASN A 325 28.01 -3.18 -30.68
N GLU A 326 28.61 -4.31 -31.08
CA GLU A 326 28.13 -5.09 -32.22
C GLU A 326 26.64 -5.41 -32.13
N LEU A 327 26.16 -5.66 -30.90
CA LEU A 327 24.76 -6.01 -30.66
C LEU A 327 23.86 -4.79 -30.53
N GLY A 328 24.44 -3.67 -30.11
CA GLY A 328 23.68 -2.43 -29.88
C GLY A 328 22.86 -2.47 -28.60
N LEU A 329 23.50 -2.84 -27.50
CA LEU A 329 22.83 -2.92 -26.19
C LEU A 329 22.78 -1.55 -25.50
N LYS A 330 23.50 -0.59 -26.07
CA LYS A 330 23.50 0.80 -25.58
C LYS A 330 22.14 1.46 -25.82
N GLU A 331 21.36 0.88 -26.74
CA GLU A 331 20.11 1.46 -27.21
C GLU A 331 18.87 0.91 -26.51
N ILE A 332 19.07 0.00 -25.55
CA ILE A 332 17.95 -0.67 -24.87
C ILE A 332 17.23 0.26 -23.88
N THR A 333 15.90 0.25 -23.95
CA THR A 333 15.03 1.05 -23.07
C THR A 333 13.74 0.28 -22.70
N TYR A 334 13.22 0.56 -21.50
CA TYR A 334 11.98 -0.02 -20.99
C TYR A 334 10.75 0.34 -21.83
N ASP B 2 -33.17 -4.71 32.07
CA ASP B 2 -33.57 -3.51 31.28
C ASP B 2 -32.32 -2.73 30.85
N GLU B 3 -32.52 -1.49 30.41
CA GLU B 3 -31.44 -0.61 29.97
C GLU B 3 -30.49 -0.22 31.11
N LYS B 4 -30.95 -0.44 32.34
CA LYS B 4 -30.11 -0.29 33.53
C LYS B 4 -28.97 -1.32 33.51
N VAL B 5 -29.31 -2.56 33.18
CA VAL B 5 -28.33 -3.65 33.06
C VAL B 5 -27.42 -3.38 31.85
N PHE B 6 -28.02 -2.93 30.75
CA PHE B 6 -27.29 -2.69 29.50
C PHE B 6 -26.21 -1.61 29.60
N THR B 7 -26.50 -0.54 30.34
CA THR B 7 -25.54 0.53 30.55
C THR B 7 -24.30 0.03 31.30
N LYS B 8 -24.50 -0.82 32.31
CA LYS B 8 -23.40 -1.45 33.07
C LYS B 8 -22.49 -2.31 32.18
N GLU B 9 -23.12 -3.08 31.29
CA GLU B 9 -22.39 -3.97 30.37
C GLU B 9 -21.56 -3.18 29.37
N LEU B 10 -22.13 -2.08 28.89
CA LEU B 10 -21.47 -1.19 27.94
C LEU B 10 -20.20 -0.55 28.53
N ASP B 11 -20.21 -0.26 29.83
CA ASP B 11 -19.02 0.23 30.55
C ASP B 11 -17.90 -0.80 30.44
N GLN B 12 -18.26 -2.05 30.65
CA GLN B 12 -17.35 -3.18 30.60
C GLN B 12 -16.81 -3.37 29.19
N TRP B 13 -17.67 -3.16 28.19
CA TRP B 13 -17.28 -3.23 26.79
C TRP B 13 -16.24 -2.15 26.46
N ILE B 14 -16.49 -0.95 26.95
CA ILE B 14 -15.59 0.19 26.76
C ILE B 14 -14.27 -0.09 27.49
N GLU B 15 -14.36 -0.65 28.70
CA GLU B 15 -13.20 -1.09 29.46
C GLU B 15 -12.39 -2.13 28.66
N GLN B 16 -13.09 -3.04 27.99
CA GLN B 16 -12.47 -4.10 27.21
C GLN B 16 -11.81 -3.58 25.93
N LEU B 17 -12.54 -2.74 25.20
CA LEU B 17 -12.03 -2.21 23.93
C LEU B 17 -10.82 -1.30 24.13
N ASN B 18 -10.73 -0.66 25.30
CA ASN B 18 -9.58 0.18 25.65
C ASN B 18 -8.25 -0.58 25.68
N GLU B 19 -8.31 -1.87 25.98
CA GLU B 19 -7.12 -2.74 25.90
C GLU B 19 -7.08 -3.52 24.57
N CYS B 20 -7.77 -2.99 23.56
CA CYS B 20 -7.75 -3.51 22.19
C CYS B 20 -8.26 -4.96 22.05
N LYS B 21 -9.18 -5.37 22.93
CA LYS B 21 -9.85 -6.67 22.82
C LYS B 21 -11.22 -6.46 22.19
N GLN B 22 -11.44 -7.12 21.05
CA GLN B 22 -12.69 -6.99 20.29
C GLN B 22 -13.88 -7.60 21.04
N LEU B 23 -15.07 -7.09 20.77
CA LEU B 23 -16.29 -7.63 21.36
C LEU B 23 -16.75 -8.86 20.59
N SER B 24 -17.57 -9.70 21.23
CA SER B 24 -18.09 -10.89 20.56
C SER B 24 -19.05 -10.52 19.42
N GLU B 25 -19.35 -11.48 18.56
CA GLU B 25 -20.24 -11.24 17.42
C GLU B 25 -21.60 -10.68 17.85
N SER B 26 -22.26 -11.38 18.79
CA SER B 26 -23.58 -10.96 19.28
C SER B 26 -23.53 -9.62 20.01
N GLN B 27 -22.42 -9.37 20.72
CA GLN B 27 -22.22 -8.10 21.41
C GLN B 27 -22.31 -6.95 20.44
N VAL B 28 -21.64 -7.10 19.30
CA VAL B 28 -21.63 -6.10 18.23
C VAL B 28 -23.05 -5.91 17.68
N LYS B 29 -23.76 -7.03 17.46
CA LYS B 29 -25.13 -6.97 16.94
C LYS B 29 -26.02 -6.08 17.79
N SER B 30 -25.96 -6.24 19.11
CA SER B 30 -26.74 -5.45 20.06
C SER B 30 -26.37 -3.97 20.06
N LEU B 31 -25.06 -3.71 20.12
CA LEU B 31 -24.53 -2.35 20.13
C LEU B 31 -24.96 -1.53 18.90
N CYS B 32 -24.97 -2.17 17.73
CA CYS B 32 -25.34 -1.51 16.48
C CYS B 32 -26.83 -1.17 16.42
N GLU B 33 -27.66 -1.98 17.05
CA GLU B 33 -29.11 -1.74 17.09
C GLU B 33 -29.44 -0.56 17.99
N LYS B 34 -28.82 -0.50 19.15
CA LYS B 34 -28.98 0.63 20.06
C LYS B 34 -28.44 1.93 19.45
N ALA B 35 -27.37 1.82 18.68
CA ALA B 35 -26.78 2.95 17.97
C ALA B 35 -27.68 3.44 16.84
N LYS B 36 -28.32 2.50 16.15
CA LYS B 36 -29.29 2.80 15.09
C LYS B 36 -30.47 3.58 15.63
N GLU B 37 -31.01 3.15 16.77
CA GLU B 37 -32.14 3.81 17.40
C GLU B 37 -31.80 5.21 17.87
N ILE B 38 -30.52 5.46 18.11
CA ILE B 38 -30.03 6.78 18.51
C ILE B 38 -29.81 7.68 17.29
N LEU B 39 -29.10 7.17 16.30
CA LEU B 39 -28.77 7.93 15.09
C LEU B 39 -29.99 8.32 14.27
N THR B 40 -31.02 7.48 14.23
CA THR B 40 -32.27 7.80 13.52
C THR B 40 -32.82 9.15 13.98
N LYS B 41 -32.75 9.40 15.30
CA LYS B 41 -33.29 10.62 15.88
C LYS B 41 -32.34 11.81 15.76
N GLU B 42 -31.32 11.68 14.92
CA GLU B 42 -30.34 12.73 14.70
C GLU B 42 -30.42 13.35 13.30
N SER B 43 -30.21 14.66 13.25
CA SER B 43 -30.28 15.44 12.01
C SER B 43 -29.09 15.15 11.08
N ASN B 44 -29.29 15.42 9.78
CA ASN B 44 -28.20 15.40 8.79
C ASN B 44 -27.14 16.44 9.13
N VAL B 45 -27.61 17.53 9.74
CA VAL B 45 -26.75 18.57 10.30
C VAL B 45 -26.85 18.47 11.82
N GLN B 46 -25.79 17.95 12.45
CA GLN B 46 -25.74 17.83 13.90
C GLN B 46 -25.28 19.13 14.56
N GLU B 47 -26.17 19.80 15.27
CA GLU B 47 -25.83 21.03 15.98
C GLU B 47 -25.05 20.71 17.26
N VAL B 48 -23.81 21.22 17.34
CA VAL B 48 -22.90 20.90 18.44
C VAL B 48 -22.53 22.17 19.21
N ARG B 49 -22.33 22.03 20.52
CA ARG B 49 -21.92 23.13 21.38
C ARG B 49 -20.43 23.07 21.68
N CYS B 50 -19.77 24.22 21.62
CA CYS B 50 -18.40 24.35 22.09
C CYS B 50 -18.40 24.53 23.61
N PRO B 51 -17.31 24.15 24.30
CA PRO B 51 -16.05 23.59 23.79
C PRO B 51 -16.20 22.20 23.19
N VAL B 52 -15.47 21.96 22.09
CA VAL B 52 -15.42 20.67 21.43
C VAL B 52 -14.06 20.49 20.77
N THR B 53 -13.61 19.24 20.70
CA THR B 53 -12.37 18.90 20.01
C THR B 53 -12.69 18.13 18.73
N VAL B 54 -12.16 18.60 17.61
CA VAL B 54 -12.54 18.14 16.29
C VAL B 54 -11.44 17.29 15.64
N CYS B 55 -11.84 16.12 15.13
CA CYS B 55 -10.90 15.12 14.62
C CYS B 55 -11.25 14.69 13.21
N GLY B 56 -10.22 14.33 12.43
CA GLY B 56 -10.42 13.78 11.09
C GLY B 56 -10.07 12.31 11.02
N ASP B 57 -9.80 11.83 9.79
CA ASP B 57 -9.52 10.40 9.49
C ASP B 57 -8.76 9.66 10.58
N VAL B 58 -9.33 8.57 11.07
CA VAL B 58 -8.60 7.71 12.01
C VAL B 58 -8.15 6.39 11.35
N HIS B 59 -8.96 5.88 10.41
CA HIS B 59 -8.61 4.71 9.58
C HIS B 59 -8.02 3.55 10.36
N GLY B 60 -8.81 2.99 11.28
CA GLY B 60 -8.43 1.78 12.01
C GLY B 60 -7.08 1.76 12.73
N GLN B 61 -6.53 2.94 13.03
CA GLN B 61 -5.26 3.05 13.75
C GLN B 61 -5.53 3.22 15.24
N PHE B 62 -6.01 2.12 15.85
CA PHE B 62 -6.52 2.13 17.22
C PHE B 62 -5.59 2.76 18.24
N HIS B 63 -4.34 2.31 18.25
CA HIS B 63 -3.36 2.73 19.24
C HIS B 63 -3.07 4.23 19.15
N ASP B 64 -3.25 4.78 17.95
CA ASP B 64 -3.06 6.20 17.71
C ASP B 64 -4.32 6.99 18.06
N LEU B 65 -5.47 6.32 18.06
CA LEU B 65 -6.69 6.90 18.62
C LEU B 65 -6.56 7.01 20.14
N MET B 66 -5.90 6.02 20.74
CA MET B 66 -5.58 6.07 22.17
C MET B 66 -4.63 7.22 22.46
N GLU B 67 -3.68 7.43 21.55
CA GLU B 67 -2.77 8.56 21.60
C GLU B 67 -3.56 9.89 21.48
N LEU B 68 -4.50 9.94 20.55
CA LEU B 68 -5.45 11.05 20.45
C LEU B 68 -6.08 11.36 21.81
N PHE B 69 -6.66 10.36 22.47
CA PHE B 69 -7.33 10.55 23.75
C PHE B 69 -6.43 11.05 24.88
N ARG B 70 -5.21 10.54 24.95
CA ARG B 70 -4.25 11.00 25.96
C ARG B 70 -3.98 12.49 25.81
N ILE B 71 -3.99 12.96 24.56
CA ILE B 71 -3.64 14.33 24.24
C ILE B 71 -4.83 15.30 24.29
N GLY B 72 -5.96 14.88 23.76
CA GLY B 72 -7.17 15.71 23.76
C GLY B 72 -8.01 15.56 25.02
N GLY B 73 -7.69 14.55 25.83
CA GLY B 73 -8.47 14.20 27.01
C GLY B 73 -9.45 13.10 26.69
N LYS B 74 -9.83 12.30 27.67
CA LYS B 74 -10.77 11.20 27.41
C LYS B 74 -12.22 11.66 27.37
N SER B 75 -13.02 10.88 26.65
CA SER B 75 -14.46 11.01 26.59
C SER B 75 -15.05 10.45 27.89
N PRO B 76 -16.10 11.10 28.45
CA PRO B 76 -16.85 12.27 27.99
C PRO B 76 -16.36 13.60 28.58
N ASP B 77 -15.21 13.59 29.26
CA ASP B 77 -14.64 14.82 29.84
C ASP B 77 -14.32 15.84 28.75
N THR B 78 -13.84 15.34 27.62
CA THR B 78 -13.67 16.15 26.44
C THR B 78 -14.82 15.87 25.49
N ASN B 79 -15.52 16.93 25.10
CA ASN B 79 -16.57 16.88 24.10
C ASN B 79 -15.92 16.68 22.73
N TYR B 80 -16.36 15.65 22.00
CA TYR B 80 -15.69 15.21 20.78
C TYR B 80 -16.59 15.22 19.54
N LEU B 81 -15.97 15.55 18.41
CA LEU B 81 -16.62 15.54 17.11
C LEU B 81 -15.66 14.92 16.08
N PHE B 82 -16.06 13.78 15.53
CA PHE B 82 -15.27 13.02 14.56
C PHE B 82 -15.85 13.15 13.17
N MET B 83 -14.97 13.30 12.19
CA MET B 83 -15.42 13.61 10.83
C MET B 83 -15.32 12.43 9.85
N GLY B 84 -15.42 11.21 10.37
CA GLY B 84 -15.50 10.02 9.51
C GLY B 84 -14.18 9.34 9.24
N ASP B 85 -14.21 8.35 8.34
CA ASP B 85 -13.06 7.51 7.98
C ASP B 85 -12.44 6.83 9.20
N TYR B 86 -13.21 5.94 9.80
CA TYR B 86 -12.80 5.22 11.00
C TYR B 86 -12.16 3.89 10.67
N VAL B 87 -12.34 3.43 9.43
CA VAL B 87 -12.03 2.04 9.05
C VAL B 87 -11.13 2.00 7.81
N ASP B 88 -10.57 0.82 7.52
CA ASP B 88 -9.69 0.60 6.36
C ASP B 88 -8.26 1.07 6.58
N ARG B 89 -7.32 0.41 5.91
CA ARG B 89 -5.90 0.80 5.86
C ARG B 89 -5.14 0.48 7.14
N GLY B 90 -5.63 0.97 8.28
CA GLY B 90 -5.07 0.61 9.57
C GLY B 90 -5.46 -0.82 9.89
N TYR B 91 -4.82 -1.40 10.89
CA TYR B 91 -5.03 -2.83 11.14
C TYR B 91 -5.99 -3.16 12.27
N TYR B 92 -6.71 -2.16 12.77
CA TYR B 92 -7.57 -2.34 13.94
C TYR B 92 -8.89 -1.57 13.79
N SER B 93 -9.49 -1.68 12.62
CA SER B 93 -10.76 -1.02 12.31
C SER B 93 -11.89 -1.52 13.21
N VAL B 94 -11.87 -2.81 13.50
CA VAL B 94 -12.88 -3.45 14.34
C VAL B 94 -12.90 -2.80 15.73
N GLU B 95 -11.74 -2.75 16.36
CA GLU B 95 -11.59 -2.18 17.69
C GLU B 95 -11.86 -0.67 17.71
N THR B 96 -11.35 0.01 16.69
CA THR B 96 -11.50 1.45 16.54
C THR B 96 -12.96 1.86 16.39
N VAL B 97 -13.66 1.25 15.43
CA VAL B 97 -15.04 1.64 15.12
C VAL B 97 -16.02 1.14 16.17
N THR B 98 -15.68 0.02 16.82
CA THR B 98 -16.52 -0.50 17.89
C THR B 98 -16.49 0.46 19.08
N LEU B 99 -15.29 0.91 19.45
CA LEU B 99 -15.12 1.80 20.59
C LEU B 99 -15.83 3.14 20.38
N LEU B 100 -15.64 3.72 19.19
CA LEU B 100 -16.27 5.01 18.88
C LEU B 100 -17.81 4.94 18.86
N VAL B 101 -18.35 3.83 18.40
CA VAL B 101 -19.79 3.58 18.45
C VAL B 101 -20.23 3.35 19.89
N ALA B 102 -19.43 2.59 20.64
CA ALA B 102 -19.72 2.31 22.05
C ALA B 102 -19.75 3.57 22.89
N LEU B 103 -18.89 4.53 22.56
CA LEU B 103 -18.84 5.80 23.25
C LEU B 103 -20.04 6.67 22.88
N LYS B 104 -20.49 6.55 21.64
CA LYS B 104 -21.69 7.25 21.19
C LYS B 104 -22.92 6.79 21.97
N VAL B 105 -23.11 5.47 22.03
CA VAL B 105 -24.24 4.86 22.75
C VAL B 105 -24.20 5.21 24.24
N ARG B 106 -22.99 5.26 24.81
CA ARG B 106 -22.83 5.53 26.24
C ARG B 106 -22.99 7.02 26.58
N TYR B 107 -22.48 7.88 25.70
CA TYR B 107 -22.48 9.33 25.90
C TYR B 107 -22.91 10.09 24.64
N ARG B 108 -24.17 9.91 24.25
CA ARG B 108 -24.71 10.51 23.01
C ARG B 108 -24.51 12.03 22.87
N GLU B 109 -24.61 12.74 23.99
CA GLU B 109 -24.48 14.20 24.00
C GLU B 109 -23.03 14.66 23.94
N ARG B 110 -22.09 13.75 24.23
CA ARG B 110 -20.66 14.11 24.31
C ARG B 110 -19.82 13.68 23.10
N ILE B 111 -20.41 12.85 22.24
CA ILE B 111 -19.74 12.34 21.05
C ILE B 111 -20.59 12.60 19.80
N THR B 112 -19.96 13.20 18.79
CA THR B 112 -20.54 13.21 17.45
C THR B 112 -19.61 12.45 16.50
N ILE B 113 -20.18 11.44 15.86
CA ILE B 113 -19.48 10.71 14.81
C ILE B 113 -20.22 10.92 13.48
N LEU B 114 -19.49 11.42 12.49
CA LEU B 114 -20.05 11.65 11.16
C LEU B 114 -19.62 10.54 10.21
N ARG B 115 -20.33 10.45 9.09
CA ARG B 115 -20.03 9.49 8.05
C ARG B 115 -18.89 9.97 7.18
N GLY B 116 -17.89 9.12 6.99
CA GLY B 116 -16.79 9.40 6.07
C GLY B 116 -17.04 8.65 4.78
N ASN B 117 -16.19 8.85 3.79
CA ASN B 117 -16.33 8.14 2.51
C ASN B 117 -15.93 6.68 2.59
N HIS B 118 -15.13 6.34 3.61
CA HIS B 118 -14.77 4.94 3.87
C HIS B 118 -15.81 4.18 4.68
N GLU B 119 -16.80 4.91 5.22
CA GLU B 119 -17.95 4.29 5.85
C GLU B 119 -18.95 3.87 4.77
N SER B 120 -18.51 2.98 3.90
CA SER B 120 -19.26 2.56 2.73
C SER B 120 -19.04 1.08 2.45
N ARG B 121 -20.05 0.41 1.91
CA ARG B 121 -19.95 -1.02 1.61
C ARG B 121 -18.82 -1.38 0.63
N GLN B 122 -18.85 -0.78 -0.55
CA GLN B 122 -17.88 -1.07 -1.62
C GLN B 122 -16.41 -0.77 -1.26
N ILE B 123 -16.18 0.36 -0.61
CA ILE B 123 -14.84 0.78 -0.25
C ILE B 123 -14.17 -0.14 0.80
N THR B 124 -14.96 -0.59 1.77
CA THR B 124 -14.45 -1.44 2.84
C THR B 124 -14.11 -2.84 2.36
N GLN B 125 -14.72 -3.25 1.25
CA GLN B 125 -14.43 -4.53 0.61
C GLN B 125 -13.03 -4.55 -0.01
N VAL B 126 -12.49 -3.36 -0.27
CA VAL B 126 -11.24 -3.21 -1.00
C VAL B 126 -10.08 -2.82 -0.08
N TYR B 127 -10.33 -1.87 0.82
CA TYR B 127 -9.25 -1.26 1.59
C TYR B 127 -8.98 -1.84 2.98
N GLY B 128 -9.47 -3.04 3.26
CA GLY B 128 -9.06 -3.75 4.46
C GLY B 128 -10.09 -4.10 5.52
N PHE B 129 -11.15 -3.30 5.66
CA PHE B 129 -12.14 -3.52 6.72
C PHE B 129 -12.92 -4.83 6.61
N TYR B 130 -13.38 -5.17 5.41
CA TYR B 130 -14.04 -6.43 5.17
C TYR B 130 -13.10 -7.59 5.51
N ASP B 131 -11.86 -7.49 5.04
CA ASP B 131 -10.86 -8.53 5.27
C ASP B 131 -10.53 -8.68 6.76
N GLU B 132 -10.51 -7.56 7.49
CA GLU B 132 -10.23 -7.59 8.93
C GLU B 132 -11.33 -8.31 9.74
N CYS B 133 -12.59 -7.95 9.49
CA CYS B 133 -13.75 -8.62 10.10
C CYS B 133 -13.79 -10.12 9.78
N LEU B 134 -13.53 -10.45 8.53
CA LEU B 134 -13.53 -11.84 8.07
C LEU B 134 -12.41 -12.66 8.71
N ARG B 135 -11.35 -11.99 9.15
CA ARG B 135 -10.26 -12.65 9.84
C ARG B 135 -10.51 -12.70 11.35
N LYS B 136 -10.93 -11.57 11.92
CA LYS B 136 -11.09 -11.45 13.37
C LYS B 136 -12.30 -12.23 13.85
N TYR B 137 -13.36 -12.20 13.06
CA TYR B 137 -14.50 -13.09 13.22
C TYR B 137 -14.33 -14.11 12.10
N GLY B 138 -15.21 -15.11 12.01
CA GLY B 138 -15.05 -16.12 10.96
C GLY B 138 -16.02 -15.97 9.80
N ASN B 139 -16.69 -14.82 9.74
CA ASN B 139 -17.73 -14.55 8.75
C ASN B 139 -17.96 -13.05 8.56
N ALA B 140 -18.91 -12.70 7.69
CA ALA B 140 -19.18 -11.31 7.31
C ALA B 140 -20.24 -10.62 8.17
N ASN B 141 -20.80 -11.33 9.15
CA ASN B 141 -21.86 -10.77 9.99
C ASN B 141 -21.51 -9.41 10.59
N VAL B 142 -20.32 -9.31 11.18
CA VAL B 142 -19.90 -8.07 11.82
C VAL B 142 -19.72 -6.94 10.81
N TRP B 143 -19.07 -7.22 9.68
CA TRP B 143 -18.97 -6.27 8.58
C TRP B 143 -20.38 -5.80 8.21
N LYS B 144 -21.29 -6.78 8.06
CA LYS B 144 -22.69 -6.51 7.78
C LYS B 144 -23.28 -5.54 8.82
N TYR B 145 -23.03 -5.78 10.10
CA TYR B 145 -23.66 -4.97 11.15
C TYR B 145 -23.17 -3.52 11.15
N PHE B 146 -21.87 -3.32 10.96
CA PHE B 146 -21.31 -1.97 10.91
C PHE B 146 -21.68 -1.20 9.64
N THR B 147 -21.61 -1.86 8.48
CA THR B 147 -21.96 -1.25 7.20
C THR B 147 -23.43 -0.87 7.14
N ASP B 148 -24.28 -1.69 7.76
CA ASP B 148 -25.69 -1.35 7.89
C ASP B 148 -25.89 -0.10 8.74
N LEU B 149 -24.99 0.11 9.69
CA LEU B 149 -25.07 1.23 10.61
C LEU B 149 -24.57 2.55 10.00
N PHE B 150 -23.57 2.46 9.13
CA PHE B 150 -22.99 3.63 8.50
C PHE B 150 -24.04 4.46 7.75
N ASP B 151 -25.07 3.78 7.23
CA ASP B 151 -26.20 4.44 6.58
C ASP B 151 -26.90 5.47 7.46
N TYR B 152 -26.81 5.31 8.78
CA TYR B 152 -27.51 6.18 9.74
C TYR B 152 -26.65 7.33 10.26
N LEU B 153 -25.33 7.24 10.08
CA LEU B 153 -24.40 8.28 10.52
C LEU B 153 -24.72 9.61 9.87
N PRO B 154 -24.86 10.68 10.67
CA PRO B 154 -25.11 12.02 10.15
C PRO B 154 -24.00 12.47 9.21
N LEU B 155 -24.38 13.27 8.22
CA LEU B 155 -23.45 13.67 7.16
C LEU B 155 -22.62 14.88 7.55
N THR B 156 -23.14 15.64 8.51
CA THR B 156 -22.70 17.01 8.71
C THR B 156 -22.92 17.46 10.16
N ALA B 157 -22.09 18.37 10.63
CA ALA B 157 -22.28 18.98 11.94
C ALA B 157 -22.06 20.49 11.90
N LEU B 158 -22.73 21.20 12.82
CA LEU B 158 -22.63 22.66 12.91
C LEU B 158 -22.35 23.11 14.34
N VAL B 159 -21.14 23.63 14.57
CA VAL B 159 -20.74 24.03 15.90
C VAL B 159 -21.19 25.46 16.20
N ASP B 160 -22.13 25.59 17.13
CA ASP B 160 -22.65 26.89 17.59
C ASP B 160 -23.02 27.86 16.46
N GLY B 161 -23.72 27.34 15.46
CA GLY B 161 -24.20 28.13 14.33
C GLY B 161 -23.16 28.79 13.43
N GLN B 162 -21.88 28.45 13.62
CA GLN B 162 -20.80 29.18 12.95
C GLN B 162 -19.74 28.35 12.25
N ILE B 163 -19.49 27.14 12.75
CA ILE B 163 -18.44 26.29 12.18
C ILE B 163 -18.99 25.00 11.59
N PHE B 164 -18.78 24.83 10.29
CA PHE B 164 -19.43 23.78 9.54
C PHE B 164 -18.49 22.59 9.29
N CYS B 165 -18.89 21.42 9.79
CA CYS B 165 -18.03 20.25 9.80
C CYS B 165 -18.62 19.10 8.99
N LEU B 166 -17.77 18.53 8.13
CA LEU B 166 -18.10 17.40 7.28
C LEU B 166 -16.82 16.73 6.83
N HIS B 167 -16.91 15.50 6.31
CA HIS B 167 -15.72 14.75 5.93
C HIS B 167 -14.99 15.30 4.71
N GLY B 168 -15.71 15.50 3.61
CA GLY B 168 -15.09 15.72 2.31
C GLY B 168 -15.04 17.16 1.86
N GLY B 169 -16.19 17.69 1.48
CA GLY B 169 -16.27 19.05 0.98
C GLY B 169 -17.64 19.45 0.45
N LEU B 170 -17.68 20.52 -0.32
CA LEU B 170 -18.93 21.11 -0.77
C LEU B 170 -19.45 20.49 -2.06
N SER B 171 -20.69 20.83 -2.41
CA SER B 171 -21.37 20.26 -3.58
C SER B 171 -22.07 21.34 -4.40
N PRO B 172 -22.03 21.21 -5.74
CA PRO B 172 -22.82 22.10 -6.60
C PRO B 172 -24.31 21.86 -6.40
N SER B 173 -24.66 20.72 -5.81
CA SER B 173 -26.05 20.39 -5.54
C SER B 173 -26.52 20.89 -4.17
N ILE B 174 -25.71 21.73 -3.54
CA ILE B 174 -26.03 22.29 -2.21
C ILE B 174 -25.62 23.76 -2.11
N ASP B 175 -26.60 24.62 -1.81
CA ASP B 175 -26.34 26.01 -1.52
C ASP B 175 -26.53 26.32 -0.03
N THR B 176 -27.55 25.72 0.58
CA THR B 176 -27.89 25.98 1.98
C THR B 176 -27.81 24.73 2.84
N LEU B 177 -27.81 24.92 4.16
CA LEU B 177 -27.85 23.80 5.10
C LEU B 177 -29.21 23.11 5.05
N ASP B 178 -30.26 23.85 4.70
CA ASP B 178 -31.58 23.26 4.56
C ASP B 178 -31.68 22.30 3.37
N HIS B 179 -30.78 22.47 2.41
CA HIS B 179 -30.60 21.48 1.35
C HIS B 179 -29.99 20.20 1.90
N ILE B 180 -29.25 20.32 3.00
CA ILE B 180 -28.62 19.14 3.64
C ILE B 180 -29.62 18.34 4.48
N ARG B 181 -30.43 19.04 5.28
CA ARG B 181 -31.41 18.37 6.13
C ARG B 181 -32.54 17.74 5.31
N ALA B 182 -32.69 18.17 4.06
CA ALA B 182 -33.72 17.65 3.15
C ALA B 182 -33.34 16.30 2.55
N LEU B 183 -32.05 15.99 2.56
CA LEU B 183 -31.55 14.74 1.97
C LEU B 183 -32.01 13.50 2.74
N ASP B 184 -32.13 12.39 2.03
CA ASP B 184 -32.37 11.11 2.66
C ASP B 184 -31.04 10.38 2.77
N ARG B 185 -30.46 10.43 3.97
CA ARG B 185 -29.12 9.86 4.19
C ARG B 185 -29.11 8.35 4.45
N LEU B 186 -30.27 7.80 4.82
CA LEU B 186 -30.39 6.37 5.15
C LEU B 186 -30.28 5.48 3.90
N GLN B 187 -29.08 5.43 3.33
CA GLN B 187 -28.76 4.61 2.16
C GLN B 187 -27.24 4.48 2.02
N GLU B 188 -26.79 3.55 1.17
CA GLU B 188 -25.39 3.47 0.78
C GLU B 188 -25.01 4.76 0.04
N VAL B 189 -23.80 5.25 0.30
CA VAL B 189 -23.27 6.47 -0.31
C VAL B 189 -23.32 6.38 -1.84
N PRO B 190 -24.12 7.26 -2.48
CA PRO B 190 -24.34 7.17 -3.92
C PRO B 190 -23.08 7.52 -4.74
N HIS B 191 -23.08 7.07 -6.00
CA HIS B 191 -21.99 7.34 -6.94
C HIS B 191 -21.87 8.81 -7.33
N GLU B 192 -23.02 9.49 -7.41
CA GLU B 192 -23.11 10.90 -7.77
C GLU B 192 -24.08 11.61 -6.83
N GLY B 193 -24.24 12.91 -7.01
CA GLY B 193 -25.27 13.66 -6.31
C GLY B 193 -24.84 14.22 -4.97
N PRO B 194 -25.67 15.11 -4.38
CA PRO B 194 -25.35 15.86 -3.17
C PRO B 194 -24.66 15.02 -2.09
N MET B 195 -25.34 13.99 -1.60
CA MET B 195 -24.82 13.18 -0.49
C MET B 195 -23.41 12.67 -0.79
N CYS B 196 -23.20 12.23 -2.03
CA CYS B 196 -21.90 11.78 -2.49
C CYS B 196 -20.81 12.85 -2.32
N ASP B 197 -21.05 14.03 -2.91
CA ASP B 197 -20.06 15.11 -2.96
C ASP B 197 -19.60 15.54 -1.58
N LEU B 198 -20.50 15.50 -0.60
CA LEU B 198 -20.18 15.89 0.77
C LEU B 198 -19.09 15.03 1.36
N LEU B 199 -19.07 13.75 0.97
CA LEU B 199 -18.13 12.79 1.54
C LEU B 199 -16.85 12.64 0.71
N TRP B 200 -16.86 13.14 -0.52
CA TRP B 200 -15.78 12.90 -1.47
C TRP B 200 -15.00 14.13 -1.95
N SER B 201 -15.65 15.30 -1.94
CA SER B 201 -15.04 16.50 -2.52
C SER B 201 -13.74 16.96 -1.86
N ASP B 202 -12.93 17.73 -2.59
CA ASP B 202 -11.67 18.31 -2.08
C ASP B 202 -11.53 19.78 -2.47
N PRO B 203 -10.97 20.62 -1.59
CA PRO B 203 -10.58 21.96 -2.01
C PRO B 203 -9.30 21.92 -2.85
N ASP B 204 -9.08 22.95 -3.67
CA ASP B 204 -7.83 23.10 -4.43
C ASP B 204 -7.49 24.57 -4.73
N ASP B 205 -6.39 24.78 -5.46
CA ASP B 205 -5.98 26.13 -5.88
C ASP B 205 -6.69 26.59 -7.16
N ARG B 206 -7.33 25.65 -7.86
CA ARG B 206 -8.10 25.94 -9.08
C ARG B 206 -9.31 26.84 -8.83
N GLY B 207 -9.57 27.75 -9.75
CA GLY B 207 -10.72 28.66 -9.67
C GLY B 207 -12.03 27.96 -9.99
N GLY B 208 -13.07 28.28 -9.22
CA GLY B 208 -14.40 27.72 -9.43
C GLY B 208 -14.47 26.24 -9.09
N TRP B 209 -15.39 25.54 -9.74
CA TRP B 209 -15.48 24.08 -9.62
C TRP B 209 -14.44 23.41 -10.50
N GLY B 210 -14.44 22.08 -10.53
CA GLY B 210 -13.51 21.31 -11.35
C GLY B 210 -13.67 19.81 -11.18
N ILE B 211 -13.21 19.06 -12.19
CA ILE B 211 -13.28 17.61 -12.17
C ILE B 211 -12.34 17.09 -11.09
N SER B 212 -12.86 16.17 -10.28
CA SER B 212 -12.11 15.62 -9.16
C SER B 212 -11.21 14.47 -9.63
N PRO B 213 -9.92 14.51 -9.24
CA PRO B 213 -8.96 13.46 -9.55
C PRO B 213 -9.21 12.20 -8.71
N ARG B 214 -10.09 12.31 -7.71
CA ARG B 214 -10.56 11.15 -6.97
C ARG B 214 -11.54 10.33 -7.82
N GLY B 215 -12.27 10.99 -8.72
CA GLY B 215 -13.26 10.33 -9.56
C GLY B 215 -14.62 10.23 -8.90
N ALA B 216 -14.86 11.11 -7.92
CA ALA B 216 -16.13 11.20 -7.19
C ALA B 216 -16.10 12.50 -6.43
N GLY B 217 -17.25 13.16 -6.36
CA GLY B 217 -17.32 14.50 -5.80
C GLY B 217 -16.69 15.49 -6.76
N TYR B 218 -16.29 16.65 -6.23
CA TYR B 218 -15.72 17.72 -7.06
C TYR B 218 -14.55 18.42 -6.38
N THR B 219 -13.77 19.16 -7.15
CA THR B 219 -12.79 20.06 -6.59
C THR B 219 -13.32 21.49 -6.61
N PHE B 220 -13.37 22.12 -5.44
CA PHE B 220 -13.88 23.50 -5.33
C PHE B 220 -12.78 24.48 -4.93
N GLY B 221 -12.85 25.68 -5.51
CA GLY B 221 -11.91 26.76 -5.23
C GLY B 221 -12.39 27.67 -4.11
N GLN B 222 -11.59 28.68 -3.81
CA GLN B 222 -11.86 29.64 -2.73
C GLN B 222 -13.16 30.40 -2.92
N ASP B 223 -13.49 30.71 -4.17
CA ASP B 223 -14.73 31.42 -4.51
C ASP B 223 -16.01 30.65 -4.14
N ILE B 224 -15.92 29.33 -4.10
CA ILE B 224 -17.06 28.49 -3.69
C ILE B 224 -17.19 28.50 -2.18
N SER B 225 -16.06 28.37 -1.49
CA SER B 225 -16.01 28.44 -0.04
C SER B 225 -16.60 29.77 0.47
N GLU B 226 -16.20 30.87 -0.17
CA GLU B 226 -16.59 32.21 0.27
C GLU B 226 -18.07 32.50 0.03
N THR B 227 -18.63 31.93 -1.02
CA THR B 227 -20.06 32.04 -1.28
C THR B 227 -20.87 31.24 -0.24
N PHE B 228 -20.44 30.01 0.00
CA PHE B 228 -21.11 29.11 0.94
C PHE B 228 -21.05 29.60 2.39
N ASN B 229 -19.91 30.18 2.78
CA ASN B 229 -19.76 30.75 4.12
C ASN B 229 -20.61 32.00 4.34
N HIS B 230 -20.57 32.94 3.39
CA HIS B 230 -21.36 34.17 3.46
C HIS B 230 -22.85 33.93 3.28
N ALA B 231 -23.21 32.93 2.47
CA ALA B 231 -24.62 32.58 2.24
C ALA B 231 -25.22 31.79 3.40
N ASN B 232 -24.38 31.23 4.27
CA ASN B 232 -24.86 30.44 5.40
C ASN B 232 -24.49 31.00 6.77
N GLY B 233 -23.86 32.17 6.78
CA GLY B 233 -23.42 32.83 8.01
C GLY B 233 -22.35 32.04 8.74
N LEU B 234 -21.37 31.52 7.99
CA LEU B 234 -20.30 30.70 8.53
C LEU B 234 -18.94 31.40 8.49
N THR B 235 -18.08 31.06 9.43
CA THR B 235 -16.72 31.59 9.49
C THR B 235 -15.67 30.57 9.02
N LEU B 236 -16.06 29.29 8.98
CA LEU B 236 -15.10 28.22 8.71
C LEU B 236 -15.78 26.92 8.31
N VAL B 237 -15.27 26.31 7.24
CA VAL B 237 -15.62 24.93 6.86
C VAL B 237 -14.47 24.02 7.29
N SER B 238 -14.78 23.12 8.21
CA SER B 238 -13.81 22.17 8.72
C SER B 238 -14.06 20.79 8.11
N ARG B 239 -12.97 20.06 7.84
CA ARG B 239 -13.05 18.83 7.07
C ARG B 239 -11.83 17.93 7.27
N ALA B 240 -11.92 16.70 6.77
CA ALA B 240 -10.83 15.74 6.80
C ALA B 240 -10.54 15.26 5.39
N HIS B 241 -10.43 13.94 5.19
CA HIS B 241 -10.49 13.33 3.85
C HIS B 241 -9.16 13.32 3.06
N GLN B 242 -8.34 14.36 3.24
CA GLN B 242 -7.03 14.43 2.57
C GLN B 242 -5.86 14.29 3.54
N LEU B 243 -4.88 13.48 3.14
CA LEU B 243 -3.63 13.39 3.85
C LEU B 243 -2.98 14.77 3.89
N VAL B 244 -2.68 15.26 5.08
CA VAL B 244 -1.82 16.43 5.23
C VAL B 244 -0.60 16.07 6.07
N MET B 245 0.58 16.45 5.58
CA MET B 245 1.83 16.01 6.18
C MET B 245 2.03 16.55 7.60
N GLU B 246 1.56 17.77 7.84
CA GLU B 246 1.71 18.40 9.16
C GLU B 246 0.50 18.20 10.11
N GLY B 247 -0.46 17.39 9.67
CA GLY B 247 -1.63 17.07 10.49
C GLY B 247 -2.87 17.93 10.24
N TYR B 248 -2.64 19.19 9.87
CA TYR B 248 -3.71 20.13 9.52
C TYR B 248 -3.23 21.15 8.49
N ASN B 249 -4.16 21.72 7.74
CA ASN B 249 -3.79 22.67 6.69
C ASN B 249 -4.90 23.68 6.37
N TRP B 250 -4.58 24.96 6.54
CA TRP B 250 -5.47 26.03 6.13
C TRP B 250 -5.40 26.22 4.63
N CYS B 251 -6.54 26.46 4.00
CA CYS B 251 -6.56 26.92 2.61
C CYS B 251 -7.74 27.85 2.35
N HIS B 252 -7.75 28.46 1.18
CA HIS B 252 -8.86 29.32 0.75
C HIS B 252 -8.98 30.55 1.65
N ASP B 253 -7.83 31.15 1.96
CA ASP B 253 -7.74 32.29 2.88
C ASP B 253 -8.47 32.02 4.19
N ARG B 254 -8.15 30.88 4.80
CA ARG B 254 -8.71 30.48 6.10
C ARG B 254 -10.23 30.22 6.13
N ASN B 255 -10.83 30.10 4.94
CA ASN B 255 -12.24 29.71 4.84
C ASN B 255 -12.42 28.22 5.07
N VAL B 256 -11.40 27.44 4.71
CA VAL B 256 -11.42 25.99 4.90
C VAL B 256 -10.21 25.56 5.71
N VAL B 257 -10.40 24.51 6.52
CA VAL B 257 -9.29 23.85 7.21
C VAL B 257 -9.47 22.34 7.11
N THR B 258 -8.36 21.63 6.88
CA THR B 258 -8.37 20.17 6.83
C THR B 258 -7.66 19.59 8.06
N ILE B 259 -8.33 18.67 8.73
CA ILE B 259 -7.77 17.97 9.90
C ILE B 259 -7.59 16.50 9.57
N PHE B 260 -6.39 15.98 9.78
CA PHE B 260 -6.11 14.57 9.52
C PHE B 260 -5.53 13.94 10.79
N SER B 261 -6.20 12.91 11.30
CA SER B 261 -5.89 12.40 12.65
C SER B 261 -5.35 10.96 12.69
N ALA B 262 -4.78 10.50 11.58
CA ALA B 262 -4.06 9.23 11.56
C ALA B 262 -2.58 9.50 11.32
N PRO B 263 -1.77 9.49 12.39
CA PRO B 263 -0.34 9.76 12.24
C PRO B 263 0.35 8.59 11.54
N ASN B 264 1.41 8.89 10.79
CA ASN B 264 2.09 7.89 9.98
C ASN B 264 1.05 7.00 9.27
N TYR B 265 0.19 7.65 8.49
CA TYR B 265 -0.87 7.02 7.69
C TYR B 265 -0.39 5.76 6.99
N CYS B 266 -1.21 4.72 7.05
CA CYS B 266 -0.90 3.39 6.50
C CYS B 266 0.32 2.72 7.14
N TYR B 267 0.83 3.34 8.20
CA TYR B 267 2.10 2.97 8.85
C TYR B 267 3.30 3.21 7.92
N ARG B 268 3.14 4.14 7.00
CA ARG B 268 4.15 4.43 5.99
C ARG B 268 4.43 5.92 5.79
N CYS B 269 3.37 6.73 5.74
CA CYS B 269 3.44 8.10 5.23
C CYS B 269 4.36 9.10 5.95
N GLY B 270 4.42 8.99 7.27
CA GLY B 270 5.31 9.83 8.08
C GLY B 270 4.72 11.16 8.45
N ASN B 271 3.43 11.33 8.16
CA ASN B 271 2.73 12.56 8.49
C ASN B 271 2.51 12.68 9.98
N GLN B 272 2.47 13.93 10.44
CA GLN B 272 1.93 14.24 11.75
C GLN B 272 0.42 14.13 11.66
N ALA B 273 -0.21 13.80 12.78
CA ALA B 273 -1.67 13.90 12.91
C ALA B 273 -1.98 15.11 13.77
N ALA B 274 -3.15 15.69 13.57
CA ALA B 274 -3.57 16.81 14.39
C ALA B 274 -5.02 16.68 14.83
N ILE B 275 -5.38 17.38 15.89
CA ILE B 275 -6.78 17.58 16.29
C ILE B 275 -7.02 19.06 16.58
N MET B 276 -8.22 19.55 16.27
CA MET B 276 -8.55 20.96 16.48
C MET B 276 -9.46 21.17 17.67
N GLU B 277 -8.89 21.71 18.75
CA GLU B 277 -9.68 22.15 19.90
C GLU B 277 -10.36 23.47 19.59
N LEU B 278 -11.63 23.55 19.95
CA LEU B 278 -12.36 24.83 19.97
C LEU B 278 -12.78 25.09 21.41
N ASP B 279 -12.40 26.25 21.94
CA ASP B 279 -12.71 26.64 23.33
C ASP B 279 -14.15 27.15 23.51
N ASP B 280 -14.42 27.80 24.64
CA ASP B 280 -15.78 28.26 24.96
C ASP B 280 -16.31 29.37 24.05
N THR B 281 -15.40 30.07 23.38
CA THR B 281 -15.76 31.19 22.52
C THR B 281 -15.23 31.00 21.10
N LEU B 282 -15.22 29.74 20.67
CA LEU B 282 -14.81 29.35 19.31
C LEU B 282 -13.40 29.70 18.85
N LYS B 283 -12.55 30.14 19.79
CA LYS B 283 -11.13 30.29 19.48
C LYS B 283 -10.50 28.91 19.31
N TYR B 284 -9.68 28.76 18.26
CA TYR B 284 -9.11 27.47 17.90
C TYR B 284 -7.64 27.30 18.30
N SER B 285 -7.21 26.06 18.39
CA SER B 285 -5.80 25.68 18.52
C SER B 285 -5.62 24.24 18.07
N PHE B 286 -4.39 23.87 17.72
CA PHE B 286 -4.12 22.54 17.19
C PHE B 286 -3.15 21.76 18.04
N LEU B 287 -3.41 20.45 18.12
CA LEU B 287 -2.54 19.53 18.82
C LEU B 287 -1.97 18.48 17.87
N GLN B 288 -0.70 18.65 17.52
CA GLN B 288 0.01 17.71 16.66
C GLN B 288 0.47 16.52 17.49
N PHE B 289 0.50 15.35 16.88
CA PHE B 289 1.01 14.14 17.53
C PHE B 289 1.47 13.03 16.58
N ASP B 290 2.42 12.24 17.06
CA ASP B 290 2.95 11.10 16.34
C ASP B 290 2.28 9.83 16.84
N PRO B 291 2.58 8.67 16.21
CA PRO B 291 1.99 7.41 16.69
C PRO B 291 2.47 6.97 18.07
N ALA B 292 1.63 6.21 18.78
CA ALA B 292 2.01 5.59 20.04
C ALA B 292 3.05 4.49 19.82
N PRO B 293 3.99 4.30 20.76
CA PRO B 293 5.03 3.26 20.60
C PRO B 293 4.50 1.83 20.79
N HIS B 294 3.91 1.24 19.76
CA HIS B 294 3.31 -0.09 19.87
C HIS B 294 4.16 -1.19 19.25
N VAL B 295 4.97 -1.84 20.09
CA VAL B 295 5.99 -2.82 19.66
C VAL B 295 5.47 -4.00 18.81
N THR B 296 4.24 -4.44 19.06
CA THR B 296 3.69 -5.62 18.41
C THR B 296 2.96 -5.37 17.06
N ARG B 297 2.80 -4.10 16.69
CA ARG B 297 2.21 -3.74 15.39
C ARG B 297 3.04 -4.34 14.25
N ARG B 298 2.37 -5.07 13.37
CA ARG B 298 3.05 -5.74 12.26
C ARG B 298 3.14 -4.88 11.00
N THR B 299 4.16 -5.16 10.20
CA THR B 299 4.56 -4.39 9.02
C THR B 299 3.42 -4.09 8.03
N PRO B 300 3.41 -2.87 7.45
CA PRO B 300 2.58 -2.60 6.28
C PRO B 300 3.27 -3.08 5.00
N ASP B 301 2.54 -3.15 3.90
CA ASP B 301 3.10 -3.63 2.65
C ASP B 301 4.05 -2.63 1.99
N TYR B 302 5.13 -3.16 1.45
CA TYR B 302 6.01 -2.42 0.55
C TYR B 302 6.25 -3.33 -0.65
N PHE B 303 7.26 -3.03 -1.45
CA PHE B 303 7.68 -3.95 -2.50
C PHE B 303 8.93 -4.68 -2.04
N LEU B 304 8.78 -5.98 -1.82
CA LEU B 304 9.85 -6.81 -1.28
C LEU B 304 10.26 -7.87 -2.29
#